data_4NVH
#
_entry.id   4NVH
#
_cell.length_a   50.920
_cell.length_b   74.720
_cell.length_c   106.710
_cell.angle_alpha   90.000
_cell.angle_beta   90.000
_cell.angle_gamma   90.000
#
_symmetry.space_group_name_H-M   'P 21 21 21'
#
loop_
_entity.id
_entity.type
_entity.pdbx_description
1 polymer 'Cytochrome c peroxidase'
2 non-polymer 'PROTOPORPHYRIN IX CONTAINING FE'
3 non-polymer 3-nitroquinolin-4-amine
4 water water
#
_entity_poly.entity_id   1
_entity_poly.type   'polypeptide(L)'
_entity_poly.pdbx_seq_one_letter_code
;LVHVASVEKGRSYEDFQKVYNAIALKLREDDEYDNYIGYGPVLVRLAWHISGTWDKHDNTGGSYGGTYRFKKEFNDPSNA
GLQNGFKFLEPIHKEFPWISSGDLFSLGGVTAVQEMQGPKIPWRCGRVDTPEDTTPDNGRLPDADKDAGYVRTFFQRLNM
NDREVVALMGAHALGKTHLKNSGYEGGGANNVFTNEFYLNLLNEDWKLEKNDANNEQWDSKSGYMMLPTDYSLIQDPKYL
SIVKEYANDQDKFFKDFSKAFEKLLENGITFPKDAPSPFIFKTLEEQGL
;
_entity_poly.pdbx_strand_id   B
#
loop_
_chem_comp.id
_chem_comp.type
_chem_comp.name
_chem_comp.formula
2NB non-polymer 3-nitroquinolin-4-amine 'C9 H7 N3 O2'
HEM non-polymer 'PROTOPORPHYRIN IX CONTAINING FE' 'C34 H32 Fe N4 O4'
#
# COMPACT_ATOMS: atom_id res chain seq x y z
N LEU A 1 1.29 -6.76 24.76
CA LEU A 1 2.36 -5.94 24.19
C LEU A 1 1.82 -4.59 23.77
N VAL A 2 2.32 -3.52 24.41
CA VAL A 2 1.77 -2.19 24.19
C VAL A 2 2.80 -1.26 23.56
N HIS A 3 2.39 -0.57 22.49
CA HIS A 3 3.26 0.41 21.83
C HIS A 3 2.60 1.74 21.89
N VAL A 4 3.13 2.63 22.72
CA VAL A 4 2.49 3.93 22.90
C VAL A 4 3.11 4.95 21.92
N ALA A 5 2.29 5.67 21.16
CA ALA A 5 2.79 6.67 20.24
C ALA A 5 3.48 7.77 21.05
N SER A 6 4.65 8.20 20.61
CA SER A 6 5.41 9.24 21.30
C SER A 6 5.86 10.23 20.21
N VAL A 7 5.32 11.44 20.27
CA VAL A 7 5.61 12.42 19.24
C VAL A 7 7.08 12.75 19.22
N GLU A 8 7.68 12.76 18.04
CA GLU A 8 9.10 13.16 17.91
C GLU A 8 9.26 14.54 18.55
N LYS A 9 10.28 14.67 19.38
CA LYS A 9 10.40 15.80 20.30
C LYS A 9 10.24 17.17 19.67
N GLY A 10 9.23 17.90 20.13
CA GLY A 10 8.96 19.23 19.71
C GLY A 10 8.32 19.38 18.36
N ARG A 11 8.00 18.28 17.66
CA ARG A 11 7.54 18.39 16.28
C ARG A 11 6.03 18.59 16.21
N SER A 12 5.57 19.23 15.14
CA SER A 12 4.13 19.52 14.99
C SER A 12 3.76 19.38 13.51
N TYR A 13 2.50 19.65 13.20
N TYR A 13 2.51 19.72 13.20
CA TYR A 13 2.03 19.45 11.82
CA TYR A 13 1.97 19.61 11.83
C TYR A 13 3.01 20.00 10.77
C TYR A 13 2.97 20.04 10.77
N GLU A 14 3.50 21.24 10.95
CA GLU A 14 4.36 21.83 9.93
C GLU A 14 5.62 20.99 9.66
N ASP A 15 6.21 20.40 10.70
CA ASP A 15 7.35 19.53 10.49
C ASP A 15 7.03 18.37 9.56
N PHE A 16 5.88 17.73 9.80
CA PHE A 16 5.50 16.58 8.99
C PHE A 16 5.07 17.00 7.59
N GLN A 17 4.46 18.18 7.43
CA GLN A 17 4.12 18.68 6.10
C GLN A 17 5.39 18.89 5.31
N LYS A 18 6.47 19.30 5.97
CA LYS A 18 7.74 19.46 5.27
C LYS A 18 8.28 18.12 4.77
N VAL A 19 8.14 17.08 5.59
CA VAL A 19 8.54 15.74 5.16
C VAL A 19 7.67 15.25 3.99
N TYR A 20 6.37 15.41 4.13
CA TYR A 20 5.43 15.10 3.07
C TYR A 20 5.89 15.79 1.79
N ASN A 21 6.19 17.08 1.89
CA ASN A 21 6.55 17.85 0.68
C ASN A 21 7.83 17.32 0.06
N ALA A 22 8.82 16.92 0.85
CA ALA A 22 10.08 16.41 0.32
C ALA A 22 9.80 15.10 -0.42
N ILE A 23 8.96 14.24 0.15
CA ILE A 23 8.62 12.98 -0.53
C ILE A 23 7.90 13.28 -1.84
N ALA A 24 6.93 14.20 -1.78
CA ALA A 24 6.08 14.54 -2.95
C ALA A 24 6.94 15.14 -4.07
N LEU A 25 7.89 16.02 -3.69
CA LEU A 25 8.79 16.62 -4.71
C LEU A 25 9.66 15.56 -5.33
N LYS A 26 10.14 14.62 -4.53
CA LYS A 26 11.00 13.59 -5.09
C LYS A 26 10.18 12.66 -6.00
N LEU A 27 8.90 12.44 -5.66
CA LEU A 27 8.02 11.63 -6.48
C LEU A 27 7.88 12.25 -7.84
N ARG A 28 7.71 13.57 -7.85
CA ARG A 28 7.62 14.31 -9.09
C ARG A 28 8.96 14.22 -9.88
N GLU A 29 10.09 14.31 -9.20
N GLU A 29 10.09 14.36 -9.19
CA GLU A 29 11.40 14.39 -9.87
CA GLU A 29 11.39 14.39 -9.84
C GLU A 29 11.81 13.06 -10.48
C GLU A 29 11.78 13.07 -10.48
N ASP A 30 11.62 11.98 -9.73
CA ASP A 30 12.08 10.66 -10.14
C ASP A 30 11.02 9.94 -10.98
N ASP A 31 10.65 10.56 -12.09
CA ASP A 31 9.53 10.10 -12.91
C ASP A 31 9.84 8.87 -13.74
N GLU A 32 11.02 8.56 -13.98
N GLU A 32 11.05 8.55 -14.00
CA GLU A 32 11.39 7.50 -14.91
CA GLU A 32 11.41 7.48 -14.92
C GLU A 32 11.23 6.09 -14.36
C GLU A 32 11.23 6.08 -14.35
N TYR A 33 11.19 5.96 -13.11
CA TYR A 33 11.27 4.68 -12.43
C TYR A 33 10.21 3.71 -12.92
N ASP A 34 10.62 2.46 -13.16
CA ASP A 34 9.71 1.40 -13.55
C ASP A 34 8.87 1.80 -14.79
N ASN A 35 9.62 2.10 -15.87
CA ASN A 35 8.97 2.49 -17.13
C ASN A 35 7.95 3.60 -17.00
N TYR A 36 8.38 4.62 -16.26
CA TYR A 36 7.65 5.87 -16.08
C TYR A 36 6.37 5.71 -15.25
N ILE A 37 6.27 4.63 -14.49
CA ILE A 37 5.23 4.57 -13.45
C ILE A 37 5.59 5.57 -12.32
N GLY A 38 6.88 5.72 -12.00
CA GLY A 38 7.27 6.51 -10.83
C GLY A 38 7.17 5.66 -9.57
N TYR A 39 7.60 6.23 -8.44
CA TYR A 39 7.70 5.51 -7.17
C TYR A 39 6.40 5.45 -6.37
N GLY A 40 5.33 6.08 -6.84
CA GLY A 40 4.10 6.11 -6.02
C GLY A 40 3.63 4.71 -5.62
N PRO A 41 3.43 3.80 -6.59
CA PRO A 41 2.88 2.49 -6.25
C PRO A 41 3.77 1.72 -5.31
N VAL A 42 5.11 1.71 -5.53
CA VAL A 42 5.96 0.92 -4.66
C VAL A 42 5.94 1.52 -3.25
N LEU A 43 5.77 2.83 -3.11
CA LEU A 43 5.68 3.42 -1.77
C LEU A 43 4.40 3.00 -1.05
N VAL A 44 3.31 2.87 -1.79
CA VAL A 44 2.06 2.37 -1.18
C VAL A 44 2.24 0.95 -0.76
N ARG A 45 2.83 0.12 -1.60
N ARG A 45 2.84 0.11 -1.60
CA ARG A 45 3.09 -1.25 -1.22
CA ARG A 45 3.09 -1.27 -1.22
C ARG A 45 3.99 -1.37 0.00
C ARG A 45 3.98 -1.38 0.00
N LEU A 46 5.01 -0.51 0.07
N LEU A 46 5.01 -0.52 0.05
CA LEU A 46 5.92 -0.51 1.20
CA LEU A 46 5.91 -0.52 1.20
C LEU A 46 5.15 -0.21 2.49
C LEU A 46 5.15 -0.21 2.49
N ALA A 47 4.31 0.83 2.46
CA ALA A 47 3.54 1.20 3.68
C ALA A 47 2.64 0.02 4.12
N TRP A 48 2.07 -0.68 3.15
CA TRP A 48 1.23 -1.83 3.45
C TRP A 48 2.04 -3.01 4.00
N HIS A 49 3.20 -3.30 3.40
CA HIS A 49 3.98 -4.45 3.88
C HIS A 49 4.58 -4.20 5.25
N ILE A 50 4.93 -2.98 5.59
CA ILE A 50 5.48 -2.75 6.92
C ILE A 50 4.39 -2.81 8.00
N SER A 51 3.13 -2.61 7.57
CA SER A 51 1.97 -2.65 8.48
C SER A 51 1.40 -4.07 8.53
N GLY A 52 1.46 -4.79 7.43
CA GLY A 52 0.73 -6.03 7.26
C GLY A 52 1.36 -7.23 7.96
N THR A 53 2.51 -7.04 8.64
CA THR A 53 3.09 -8.06 9.52
C THR A 53 2.37 -8.13 10.85
N TRP A 54 1.46 -7.22 11.12
CA TRP A 54 0.81 -7.16 12.41
C TRP A 54 0.01 -8.39 12.75
N ASP A 55 0.00 -8.79 14.03
CA ASP A 55 -0.85 -9.87 14.48
C ASP A 55 -1.66 -9.36 15.65
N LYS A 56 -2.99 -9.22 15.49
CA LYS A 56 -3.81 -8.70 16.51
C LYS A 56 -3.76 -9.54 17.82
N HIS A 57 -3.37 -10.82 17.72
CA HIS A 57 -3.42 -11.67 18.95
C HIS A 57 -2.39 -11.27 19.97
N ASP A 58 -1.21 -10.85 19.54
CA ASP A 58 -0.17 -10.54 20.49
C ASP A 58 0.52 -9.21 20.24
N ASN A 59 0.01 -8.45 19.28
CA ASN A 59 0.59 -7.17 18.89
C ASN A 59 2.04 -7.23 18.48
N THR A 60 2.44 -8.34 17.89
CA THR A 60 3.74 -8.41 17.21
C THR A 60 3.57 -7.81 15.80
N GLY A 61 4.71 -7.46 15.19
CA GLY A 61 4.74 -6.85 13.88
C GLY A 61 4.08 -5.47 13.94
N GLY A 62 3.59 -5.04 12.76
CA GLY A 62 2.91 -3.71 12.62
C GLY A 62 3.92 -2.63 12.31
N SER A 63 3.40 -1.46 11.96
CA SER A 63 4.25 -0.36 11.53
C SER A 63 5.07 0.31 12.65
N TYR A 64 4.64 0.17 13.90
CA TYR A 64 5.22 0.96 14.98
C TYR A 64 6.75 0.95 15.03
N GLY A 65 7.36 -0.23 14.98
CA GLY A 65 8.79 -0.33 15.31
C GLY A 65 9.71 -0.06 14.17
N GLY A 66 9.23 0.16 12.94
CA GLY A 66 10.16 0.45 11.87
C GLY A 66 11.08 -0.69 11.49
N THR A 67 10.65 -1.94 11.73
CA THR A 67 11.55 -3.08 11.69
C THR A 67 11.93 -3.52 10.29
N TYR A 68 11.27 -2.98 9.28
CA TYR A 68 11.65 -3.25 7.90
C TYR A 68 13.10 -2.84 7.63
N ARG A 69 13.64 -1.91 8.42
CA ARG A 69 15.06 -1.51 8.26
C ARG A 69 16.06 -2.64 8.55
N PHE A 70 15.61 -3.68 9.27
CA PHE A 70 16.50 -4.80 9.64
C PHE A 70 16.48 -5.92 8.60
N LYS A 71 17.64 -6.54 8.41
CA LYS A 71 17.82 -7.50 7.33
C LYS A 71 16.77 -8.61 7.26
N LYS A 72 16.37 -9.16 8.41
CA LYS A 72 15.45 -10.29 8.35
C LYS A 72 14.17 -9.87 7.58
N GLU A 73 13.63 -8.69 7.88
CA GLU A 73 12.39 -8.23 7.25
C GLU A 73 12.65 -7.64 5.87
N PHE A 74 13.73 -6.88 5.74
CA PHE A 74 14.16 -6.31 4.48
C PHE A 74 14.28 -7.42 3.43
N ASN A 75 14.74 -8.58 3.85
CA ASN A 75 15.00 -9.69 2.94
C ASN A 75 13.87 -10.72 2.83
N ASP A 76 12.73 -10.46 3.46
CA ASP A 76 11.58 -11.34 3.34
C ASP A 76 11.29 -11.49 1.84
N PRO A 77 11.20 -12.75 1.34
CA PRO A 77 10.84 -12.89 -0.08
C PRO A 77 9.53 -12.14 -0.43
N SER A 78 8.59 -12.03 0.53
CA SER A 78 7.36 -11.28 0.26
C SER A 78 7.59 -9.79 -0.01
N ASN A 79 8.76 -9.28 0.41
CA ASN A 79 9.13 -7.89 0.26
C ASN A 79 10.04 -7.61 -0.93
N ALA A 80 10.25 -8.61 -1.80
CA ALA A 80 11.12 -8.41 -2.93
C ALA A 80 10.65 -7.26 -3.79
N GLY A 81 11.56 -6.32 -4.08
CA GLY A 81 11.24 -5.13 -4.85
C GLY A 81 11.03 -3.88 -3.99
N LEU A 82 10.67 -4.07 -2.74
CA LEU A 82 10.44 -2.89 -1.87
C LEU A 82 11.73 -2.16 -1.55
N GLN A 83 12.89 -2.79 -1.76
CA GLN A 83 14.16 -2.11 -1.55
C GLN A 83 14.18 -0.83 -2.38
N ASN A 84 13.50 -0.79 -3.52
CA ASN A 84 13.43 0.41 -4.33
C ASN A 84 12.76 1.55 -3.57
N GLY A 85 11.69 1.23 -2.85
CA GLY A 85 11.00 2.27 -2.03
C GLY A 85 11.88 2.69 -0.87
N PHE A 86 12.58 1.75 -0.25
CA PHE A 86 13.50 2.12 0.82
C PHE A 86 14.60 3.06 0.35
N LYS A 87 15.17 2.76 -0.82
CA LYS A 87 16.23 3.61 -1.37
C LYS A 87 15.68 4.98 -1.73
N PHE A 88 14.46 5.05 -2.21
CA PHE A 88 13.84 6.35 -2.52
C PHE A 88 13.75 7.18 -1.19
N LEU A 89 13.40 6.52 -0.08
CA LEU A 89 13.16 7.27 1.16
C LEU A 89 14.46 7.59 1.90
N GLU A 90 15.56 6.94 1.53
CA GLU A 90 16.83 7.17 2.20
C GLU A 90 17.24 8.64 2.28
N PRO A 91 17.25 9.35 1.16
N PRO A 91 17.24 9.32 1.14
CA PRO A 91 17.63 10.77 1.19
CA PRO A 91 17.58 10.75 1.09
C PRO A 91 16.64 11.63 1.97
C PRO A 91 16.65 11.58 1.98
N ILE A 92 15.37 11.24 1.97
CA ILE A 92 14.38 11.95 2.79
C ILE A 92 14.74 11.74 4.28
N HIS A 93 15.07 10.51 4.67
CA HIS A 93 15.44 10.29 6.05
C HIS A 93 16.70 11.04 6.45
N LYS A 94 17.63 11.17 5.52
CA LYS A 94 18.88 11.90 5.80
C LYS A 94 18.58 13.37 6.00
N GLU A 95 17.66 13.94 5.23
CA GLU A 95 17.25 15.32 5.42
C GLU A 95 16.49 15.57 6.72
N PHE A 96 15.69 14.59 7.12
N PHE A 96 15.70 14.58 7.15
CA PHE A 96 14.86 14.71 8.30
CA PHE A 96 14.85 14.67 8.34
C PHE A 96 15.15 13.54 9.24
C PHE A 96 15.17 13.55 9.31
N PRO A 97 16.35 13.53 9.83
N PRO A 97 16.37 13.64 9.93
CA PRO A 97 16.79 12.37 10.63
CA PRO A 97 16.82 12.45 10.66
C PRO A 97 15.99 12.12 11.91
C PRO A 97 16.00 12.14 11.88
N TRP A 98 15.23 13.12 12.34
CA TRP A 98 14.41 13.05 13.52
C TRP A 98 13.14 12.21 13.31
N ILE A 99 12.70 11.95 12.08
CA ILE A 99 11.47 11.15 11.96
C ILE A 99 11.79 9.68 12.21
N SER A 100 10.88 8.98 12.91
CA SER A 100 11.10 7.55 13.08
C SER A 100 10.94 6.77 11.79
N SER A 101 11.47 5.57 11.70
CA SER A 101 11.36 4.82 10.49
C SER A 101 9.94 4.42 10.18
N GLY A 102 9.19 3.98 11.18
CA GLY A 102 7.77 3.64 10.93
C GLY A 102 6.97 4.86 10.51
N ASP A 103 7.23 6.02 11.10
CA ASP A 103 6.56 7.22 10.65
C ASP A 103 6.94 7.50 9.21
N LEU A 104 8.20 7.37 8.84
CA LEU A 104 8.59 7.68 7.46
C LEU A 104 7.97 6.72 6.46
N PHE A 105 8.02 5.39 6.76
CA PHE A 105 7.51 4.41 5.78
C PHE A 105 5.99 4.60 5.61
N SER A 106 5.29 4.81 6.71
CA SER A 106 3.83 4.99 6.60
C SER A 106 3.49 6.32 5.94
N LEU A 107 4.23 7.39 6.26
CA LEU A 107 3.96 8.68 5.61
C LEU A 107 4.27 8.62 4.12
N GLY A 108 5.26 7.79 3.74
CA GLY A 108 5.51 7.63 2.29
C GLY A 108 4.30 7.08 1.56
N GLY A 109 3.59 6.13 2.20
CA GLY A 109 2.35 5.62 1.55
C GLY A 109 1.26 6.63 1.49
N VAL A 110 1.02 7.40 2.57
CA VAL A 110 0.03 8.46 2.56
C VAL A 110 0.35 9.46 1.47
N THR A 111 1.63 9.90 1.42
CA THR A 111 2.00 10.93 0.45
C THR A 111 1.78 10.41 -0.97
N ALA A 112 2.19 9.16 -1.23
CA ALA A 112 2.00 8.59 -2.56
C ALA A 112 0.53 8.54 -2.95
N VAL A 113 -0.34 8.03 -2.05
CA VAL A 113 -1.76 7.98 -2.39
C VAL A 113 -2.28 9.38 -2.76
N GLN A 114 -1.97 10.38 -1.91
CA GLN A 114 -2.53 11.71 -2.15
C GLN A 114 -1.97 12.34 -3.39
N GLU A 115 -0.68 12.20 -3.61
CA GLU A 115 -0.03 12.84 -4.79
C GLU A 115 -0.51 12.15 -6.06
N MET A 116 -0.93 10.88 -6.01
CA MET A 116 -1.53 10.18 -7.14
C MET A 116 -3.01 10.49 -7.27
N GLN A 117 -3.49 11.55 -6.62
CA GLN A 117 -4.89 12.03 -6.73
C GLN A 117 -5.87 11.12 -6.03
N GLY A 118 -5.37 10.39 -5.04
CA GLY A 118 -6.24 9.58 -4.19
C GLY A 118 -6.95 10.36 -3.12
N PRO A 119 -7.65 9.66 -2.21
CA PRO A 119 -8.26 10.37 -1.10
C PRO A 119 -7.23 10.96 -0.16
N LYS A 120 -7.65 11.94 0.63
N LYS A 120 -7.65 11.94 0.63
CA LYS A 120 -6.87 12.34 1.79
CA LYS A 120 -6.86 12.35 1.79
C LYS A 120 -6.84 11.17 2.78
C LYS A 120 -6.84 11.18 2.78
N ILE A 121 -5.68 10.90 3.34
CA ILE A 121 -5.51 9.85 4.35
C ILE A 121 -5.02 10.56 5.64
N PRO A 122 -5.86 10.69 6.67
CA PRO A 122 -5.33 11.29 7.92
C PRO A 122 -4.21 10.40 8.43
N TRP A 123 -3.21 11.04 9.04
CA TRP A 123 -2.00 10.32 9.45
C TRP A 123 -1.58 10.84 10.82
N ARG A 124 -1.17 9.89 11.66
CA ARG A 124 -0.73 10.26 13.00
C ARG A 124 0.76 9.91 13.14
N CYS A 125 1.50 10.81 13.83
CA CYS A 125 2.89 10.55 14.11
C CYS A 125 3.05 9.79 15.43
N GLY A 126 4.31 9.40 15.68
CA GLY A 126 4.69 8.85 17.01
C GLY A 126 5.07 7.41 17.05
N ARG A 127 5.19 6.76 15.90
CA ARG A 127 5.81 5.44 15.90
C ARG A 127 7.27 5.58 16.41
N VAL A 128 7.77 4.60 17.15
CA VAL A 128 9.14 4.68 17.71
C VAL A 128 9.93 3.47 17.28
N ASP A 129 11.13 3.67 16.77
N ASP A 129 11.12 3.68 16.80
CA ASP A 129 11.96 2.57 16.34
CA ASP A 129 11.92 2.57 16.41
C ASP A 129 12.20 1.61 17.49
C ASP A 129 12.07 1.61 17.60
N THR A 130 12.00 0.32 17.25
CA THR A 130 12.32 -0.72 18.23
C THR A 130 13.49 -1.58 17.76
N PRO A 131 14.09 -2.39 18.68
CA PRO A 131 15.33 -3.13 18.35
C PRO A 131 15.21 -4.28 17.39
N GLU A 132 16.33 -4.76 16.90
CA GLU A 132 16.34 -5.76 15.89
C GLU A 132 15.61 -7.03 16.29
N ASP A 133 15.69 -7.38 17.58
CA ASP A 133 14.98 -8.55 18.05
C ASP A 133 13.45 -8.47 18.07
N THR A 134 12.87 -7.29 17.78
CA THR A 134 11.42 -7.16 17.70
C THR A 134 10.95 -7.34 16.26
N THR A 135 11.87 -7.61 15.33
CA THR A 135 11.52 -7.82 13.89
C THR A 135 10.70 -9.10 13.77
N PRO A 136 9.51 -9.02 13.14
CA PRO A 136 8.71 -10.24 12.99
C PRO A 136 9.38 -11.18 11.97
N ASP A 137 9.25 -12.50 12.17
CA ASP A 137 9.71 -13.47 11.18
C ASP A 137 9.00 -13.31 9.83
N ASN A 138 9.62 -13.71 8.75
CA ASN A 138 9.00 -13.82 7.44
C ASN A 138 7.81 -14.75 7.44
N GLY A 139 6.87 -14.51 6.52
CA GLY A 139 5.74 -15.39 6.32
C GLY A 139 4.41 -14.86 6.81
N ARG A 140 4.37 -13.60 7.26
CA ARG A 140 3.13 -12.97 7.77
C ARG A 140 2.37 -12.24 6.67
N LEU A 141 2.97 -12.01 5.51
CA LEU A 141 2.29 -11.34 4.43
C LEU A 141 1.61 -12.36 3.51
N PRO A 142 0.59 -11.96 2.74
CA PRO A 142 -0.29 -12.98 2.12
C PRO A 142 0.24 -13.53 0.83
N ASP A 143 -0.13 -14.77 0.54
CA ASP A 143 0.08 -15.35 -0.76
C ASP A 143 -0.96 -14.91 -1.79
N ALA A 144 -0.57 -14.87 -3.05
CA ALA A 144 -1.42 -14.41 -4.14
C ALA A 144 -2.12 -15.55 -4.92
N ASP A 145 -1.74 -16.79 -4.65
CA ASP A 145 -2.24 -17.95 -5.46
C ASP A 145 -3.41 -18.64 -4.84
N LYS A 146 -4.16 -17.95 -4.05
N LYS A 146 -4.12 -18.01 -3.95
CA LYS A 146 -5.15 -18.41 -3.10
CA LYS A 146 -5.20 -18.61 -3.18
C LYS A 146 -6.57 -17.90 -3.41
C LYS A 146 -6.57 -17.98 -3.49
N ASP A 147 -7.58 -18.48 -2.78
CA ASP A 147 -8.97 -18.13 -3.06
C ASP A 147 -9.54 -17.13 -2.06
N ALA A 148 -10.86 -16.90 -2.12
CA ALA A 148 -11.49 -15.89 -1.28
C ALA A 148 -11.47 -16.27 0.17
N GLY A 149 -11.63 -17.57 0.46
CA GLY A 149 -11.67 -17.99 1.85
C GLY A 149 -10.30 -17.73 2.52
N TYR A 150 -9.22 -17.94 1.79
CA TYR A 150 -7.90 -17.63 2.28
C TYR A 150 -7.75 -16.13 2.57
N VAL A 151 -8.21 -15.30 1.62
CA VAL A 151 -8.11 -13.84 1.78
C VAL A 151 -8.86 -13.41 3.02
N ARG A 152 -10.07 -13.92 3.18
CA ARG A 152 -10.92 -13.55 4.30
C ARG A 152 -10.28 -13.91 5.64
N THR A 153 -9.81 -15.14 5.74
CA THR A 153 -9.16 -15.61 6.98
C THR A 153 -7.89 -14.83 7.22
N PHE A 154 -7.10 -14.64 6.18
CA PHE A 154 -5.85 -13.93 6.34
C PHE A 154 -6.07 -12.56 7.00
N PHE A 155 -7.00 -11.81 6.45
CA PHE A 155 -7.24 -10.44 6.91
C PHE A 155 -7.88 -10.35 8.28
N GLN A 156 -8.48 -11.43 8.77
CA GLN A 156 -8.94 -11.40 10.19
C GLN A 156 -7.79 -11.17 11.14
N ARG A 157 -6.58 -11.61 10.77
CA ARG A 157 -5.42 -11.42 11.69
C ARG A 157 -5.06 -9.95 11.80
N LEU A 158 -5.44 -9.16 10.78
CA LEU A 158 -5.24 -7.71 10.75
C LEU A 158 -6.47 -6.94 11.19
N ASN A 159 -7.47 -7.68 11.73
CA ASN A 159 -8.71 -7.09 12.21
C ASN A 159 -9.44 -6.33 11.07
N MET A 160 -9.40 -6.87 9.83
CA MET A 160 -10.13 -6.25 8.71
C MET A 160 -11.28 -7.16 8.30
N ASN A 161 -12.44 -6.51 8.06
CA ASN A 161 -13.66 -7.20 7.65
C ASN A 161 -13.79 -7.18 6.13
N ASP A 162 -14.88 -7.72 5.59
CA ASP A 162 -15.00 -7.87 4.14
C ASP A 162 -14.92 -6.54 3.43
N ARG A 163 -15.60 -5.52 3.94
N ARG A 163 -15.60 -5.52 3.94
CA ARG A 163 -15.59 -4.21 3.30
CA ARG A 163 -15.58 -4.22 3.28
C ARG A 163 -14.18 -3.62 3.29
C ARG A 163 -14.18 -3.63 3.29
N GLU A 164 -13.49 -3.74 4.41
CA GLU A 164 -12.12 -3.21 4.53
C GLU A 164 -11.18 -3.94 3.60
N VAL A 165 -11.33 -5.26 3.47
CA VAL A 165 -10.50 -6.03 2.56
C VAL A 165 -10.74 -5.59 1.11
N VAL A 166 -12.00 -5.48 0.70
CA VAL A 166 -12.25 -5.15 -0.70
C VAL A 166 -11.79 -3.71 -0.95
N ALA A 167 -11.97 -2.79 -0.01
CA ALA A 167 -11.50 -1.41 -0.20
C ALA A 167 -9.98 -1.38 -0.31
N LEU A 168 -9.29 -2.05 0.61
CA LEU A 168 -7.82 -2.01 0.54
C LEU A 168 -7.30 -2.56 -0.78
N MET A 169 -7.96 -3.61 -1.30
CA MET A 169 -7.46 -4.23 -2.52
C MET A 169 -7.56 -3.32 -3.73
N GLY A 170 -8.37 -2.24 -3.63
CA GLY A 170 -8.44 -1.30 -4.71
C GLY A 170 -7.12 -0.59 -5.00
N ALA A 171 -6.17 -0.68 -4.09
CA ALA A 171 -4.81 -0.18 -4.35
C ALA A 171 -4.15 -0.92 -5.51
N HIS A 172 -4.70 -2.08 -5.89
CA HIS A 172 -4.18 -2.84 -7.00
C HIS A 172 -4.51 -2.25 -8.34
N ALA A 173 -5.13 -1.08 -8.35
CA ALA A 173 -5.23 -0.28 -9.56
C ALA A 173 -3.86 0.31 -9.89
N LEU A 174 -3.00 0.36 -8.89
CA LEU A 174 -1.70 1.06 -8.99
C LEU A 174 -0.60 0.11 -9.40
N GLY A 175 0.32 0.57 -10.26
CA GLY A 175 1.55 -0.16 -10.49
C GLY A 175 1.31 -1.51 -11.14
N LYS A 176 2.22 -2.44 -10.88
N LYS A 176 2.22 -2.43 -10.90
CA LYS A 176 2.20 -3.70 -11.60
CA LYS A 176 2.22 -3.70 -11.61
C LYS A 176 2.95 -4.76 -10.83
C LYS A 176 2.94 -4.76 -10.84
N THR A 177 2.76 -6.00 -11.29
CA THR A 177 3.57 -7.09 -10.83
C THR A 177 4.83 -7.22 -11.67
N HIS A 178 5.86 -7.76 -11.06
CA HIS A 178 7.15 -7.97 -11.78
C HIS A 178 7.54 -9.40 -11.60
N LEU A 179 7.80 -10.12 -12.72
CA LEU A 179 8.01 -11.57 -12.59
C LEU A 179 9.12 -11.92 -11.59
N LYS A 180 10.21 -11.18 -11.57
CA LYS A 180 11.39 -11.46 -10.76
C LYS A 180 11.14 -11.24 -9.28
N ASN A 181 10.11 -10.40 -9.02
CA ASN A 181 9.77 -10.11 -7.63
C ASN A 181 8.84 -11.14 -7.02
N SER A 182 7.77 -11.47 -7.75
CA SER A 182 6.66 -12.21 -7.16
C SER A 182 6.21 -13.43 -7.95
N GLY A 183 6.74 -13.60 -9.16
N GLY A 183 6.74 -13.60 -9.15
N GLY A 183 6.73 -13.60 -9.16
CA GLY A 183 6.31 -14.71 -10.00
CA GLY A 183 6.28 -14.71 -10.01
CA GLY A 183 6.29 -14.70 -10.01
C GLY A 183 5.04 -14.40 -10.76
C GLY A 183 5.00 -14.41 -10.75
C GLY A 183 5.02 -14.40 -10.77
N TYR A 184 4.70 -13.12 -10.83
N TYR A 184 4.65 -13.14 -10.85
N TYR A 184 4.69 -13.12 -10.86
CA TYR A 184 3.54 -12.67 -11.59
CA TYR A 184 3.52 -12.65 -11.61
CA TYR A 184 3.55 -12.64 -11.63
C TYR A 184 3.97 -11.62 -12.61
C TYR A 184 3.99 -11.54 -12.52
C TYR A 184 4.01 -11.50 -12.53
N GLU A 185 3.37 -11.72 -13.79
N GLU A 185 3.39 -11.41 -13.67
N GLU A 185 3.39 -11.34 -13.69
CA GLU A 185 3.80 -10.96 -14.96
CA GLU A 185 3.76 -10.33 -14.55
CA GLU A 185 3.79 -10.25 -14.58
C GLU A 185 2.86 -9.82 -15.20
C GLU A 185 2.62 -9.51 -15.14
C GLU A 185 2.63 -9.48 -15.17
N GLY A 186 3.45 -8.65 -15.30
N GLY A 186 2.86 -8.19 -15.28
N GLY A 186 2.82 -8.17 -15.36
CA GLY A 186 2.69 -7.41 -15.23
CA GLY A 186 1.89 -7.34 -15.95
CA GLY A 186 1.82 -7.32 -15.99
C GLY A 186 1.91 -7.10 -16.47
C GLY A 186 0.99 -6.51 -15.06
C GLY A 186 0.97 -6.48 -15.06
N GLY A 187 0.80 -6.40 -16.29
N GLY A 187 0.06 -5.80 -15.67
N GLY A 187 0.04 -5.76 -15.65
CA GLY A 187 -0.10 -5.99 -17.33
CA GLY A 187 -0.85 -4.94 -14.93
CA GLY A 187 -0.82 -4.87 -14.90
C GLY A 187 -0.14 -4.46 -17.35
C GLY A 187 -0.95 -3.54 -15.51
C GLY A 187 -0.93 -3.52 -15.55
N GLY A 188 -1.14 -3.92 -18.02
N GLY A 188 -0.07 -3.22 -16.39
N GLY A 188 -1.76 -2.66 -14.97
CA GLY A 188 -1.35 -2.48 -18.08
CA GLY A 188 -0.03 -1.86 -16.88
CA GLY A 188 -2.04 -1.34 -15.51
C GLY A 188 -1.29 -1.88 -16.70
C GLY A 188 0.99 -0.93 -16.27
C GLY A 188 -0.87 -0.44 -15.85
N ALA A 189 -0.71 -0.71 -16.58
N ALA A 189 0.67 0.35 -16.32
N ALA A 189 0.13 -0.35 -14.97
CA ALA A 189 -0.40 -0.09 -15.30
CA ALA A 189 1.55 1.37 -15.82
CA ALA A 189 1.20 0.60 -15.19
C ALA A 189 -0.70 1.40 -15.36
C ALA A 189 0.77 2.47 -15.13
C ALA A 189 0.66 1.98 -14.87
N ASN A 190 -1.08 1.94 -14.23
N ASN A 190 -0.28 2.14 -14.38
N ASN A 190 -0.43 1.96 -14.11
CA ASN A 190 -1.37 3.34 -14.06
CA ASN A 190 -1.08 3.19 -13.76
CA ASN A 190 -1.14 3.16 -13.76
C ASN A 190 -0.79 3.85 -12.75
C ASN A 190 -0.53 3.78 -12.46
C ASN A 190 -0.56 3.81 -12.50
N ASN A 191 -0.61 5.16 -12.62
N ASN A 191 -0.52 5.10 -12.47
N ASN A 191 -0.52 5.14 -12.47
CA ASN A 191 -0.08 5.80 -11.40
CA ASN A 191 -0.04 5.87 -11.30
CA ASN A 191 -0.03 5.86 -11.31
C ASN A 191 -0.99 6.92 -10.90
C ASN A 191 -1.00 6.96 -10.90
C ASN A 191 -1.00 6.95 -10.87
N VAL A 192 -2.28 6.76 -11.20
CA VAL A 192 -3.35 7.64 -10.72
C VAL A 192 -4.29 6.76 -9.91
N PHE A 193 -4.61 7.21 -8.72
CA PHE A 193 -5.49 6.44 -7.80
C PHE A 193 -6.92 6.63 -8.15
N THR A 194 -7.58 5.57 -8.56
CA THR A 194 -8.99 5.61 -9.00
C THR A 194 -9.62 4.32 -8.50
N ASN A 195 -10.93 4.16 -8.77
CA ASN A 195 -11.65 2.90 -8.52
C ASN A 195 -11.59 1.97 -9.73
N GLU A 196 -10.58 2.11 -10.60
N GLU A 196 -10.63 2.18 -10.63
CA GLU A 196 -10.62 1.29 -11.79
CA GLU A 196 -10.51 1.32 -11.81
C GLU A 196 -10.35 -0.18 -11.56
C GLU A 196 -10.42 -0.19 -11.52
N PHE A 197 -9.75 -0.59 -10.44
CA PHE A 197 -9.58 -2.03 -10.17
C PHE A 197 -10.91 -2.76 -10.23
N TYR A 198 -11.94 -2.13 -9.61
CA TYR A 198 -13.27 -2.74 -9.53
C TYR A 198 -13.95 -2.76 -10.91
N LEU A 199 -13.83 -1.66 -11.63
CA LEU A 199 -14.41 -1.60 -12.99
C LEU A 199 -13.75 -2.64 -13.87
N ASN A 200 -12.45 -2.78 -13.78
CA ASN A 200 -11.74 -3.75 -14.61
C ASN A 200 -12.15 -5.18 -14.24
N LEU A 201 -12.29 -5.47 -12.92
CA LEU A 201 -12.76 -6.78 -12.50
C LEU A 201 -14.08 -7.13 -13.13
N LEU A 202 -14.99 -6.19 -13.15
CA LEU A 202 -16.36 -6.47 -13.63
C LEU A 202 -16.49 -6.40 -15.12
N ASN A 203 -15.68 -5.62 -15.81
CA ASN A 203 -15.99 -5.31 -17.21
C ASN A 203 -15.03 -5.98 -18.19
N GLU A 204 -13.86 -6.43 -17.77
CA GLU A 204 -12.91 -7.00 -18.74
C GLU A 204 -13.24 -8.45 -18.99
N ASP A 205 -12.75 -8.95 -20.11
CA ASP A 205 -12.91 -10.37 -20.45
C ASP A 205 -11.69 -11.13 -20.00
N TRP A 206 -11.78 -11.76 -18.87
CA TRP A 206 -10.63 -12.37 -18.19
C TRP A 206 -10.40 -13.80 -18.66
N LYS A 207 -9.12 -14.12 -18.87
CA LYS A 207 -8.68 -15.50 -19.24
C LYS A 207 -7.67 -16.01 -18.25
N LEU A 208 -7.86 -17.21 -17.73
CA LEU A 208 -6.97 -17.79 -16.77
C LEU A 208 -5.77 -18.37 -17.51
N GLU A 209 -4.58 -17.84 -17.37
CA GLU A 209 -3.45 -18.22 -18.18
C GLU A 209 -2.29 -18.57 -17.26
N LYS A 210 -1.27 -19.19 -17.83
CA LYS A 210 -0.04 -19.43 -17.11
C LYS A 210 1.01 -18.45 -17.60
N ASN A 211 1.68 -17.80 -16.67
CA ASN A 211 2.75 -16.88 -17.00
C ASN A 211 4.08 -17.61 -17.13
N ASP A 212 5.16 -16.86 -17.38
CA ASP A 212 6.46 -17.48 -17.69
C ASP A 212 7.12 -18.10 -16.47
N ALA A 213 6.59 -17.82 -15.29
CA ALA A 213 7.01 -18.45 -14.08
C ALA A 213 6.18 -19.69 -13.74
N ASN A 214 5.31 -20.07 -14.66
CA ASN A 214 4.43 -21.23 -14.50
C ASN A 214 3.37 -21.06 -13.41
N ASN A 215 3.05 -19.81 -13.09
CA ASN A 215 1.95 -19.53 -12.17
C ASN A 215 0.73 -19.06 -12.92
N GLU A 216 -0.47 -19.39 -12.39
CA GLU A 216 -1.67 -18.90 -13.02
C GLU A 216 -2.00 -17.47 -12.63
N GLN A 217 -2.51 -16.73 -13.59
CA GLN A 217 -3.03 -15.36 -13.35
C GLN A 217 -4.07 -15.11 -14.38
N TRP A 218 -4.96 -14.15 -14.12
CA TRP A 218 -6.01 -13.79 -15.04
C TRP A 218 -5.61 -12.61 -15.91
N ASP A 219 -5.69 -12.76 -17.24
CA ASP A 219 -5.26 -11.72 -18.16
C ASP A 219 -6.35 -11.28 -19.04
N SER A 220 -6.33 -10.00 -19.40
CA SER A 220 -7.30 -9.53 -20.40
C SER A 220 -6.57 -9.14 -21.72
N LYS A 221 -7.27 -9.09 -22.83
CA LYS A 221 -6.62 -8.69 -24.10
C LYS A 221 -6.20 -7.21 -24.07
N SER A 222 -6.92 -6.42 -23.31
N SER A 222 -6.92 -6.44 -23.30
CA SER A 222 -6.55 -5.01 -23.16
CA SER A 222 -6.59 -5.03 -23.14
C SER A 222 -5.17 -4.89 -22.52
C SER A 222 -5.33 -4.83 -22.31
N GLY A 223 -4.74 -5.91 -21.78
CA GLY A 223 -3.43 -5.84 -21.13
C GLY A 223 -3.42 -5.75 -19.63
N TYR A 224 -4.60 -5.91 -19.01
CA TYR A 224 -4.65 -5.92 -17.53
C TYR A 224 -4.39 -7.34 -17.05
N MET A 225 -4.10 -7.46 -15.76
CA MET A 225 -4.02 -8.76 -15.13
C MET A 225 -4.66 -8.68 -13.75
N MET A 226 -5.08 -9.83 -13.26
CA MET A 226 -5.54 -9.98 -11.87
C MET A 226 -4.84 -11.17 -11.27
N LEU A 227 -4.36 -11.04 -10.03
CA LEU A 227 -3.89 -12.15 -9.28
C LEU A 227 -5.05 -13.06 -8.97
N PRO A 228 -4.78 -14.35 -8.66
CA PRO A 228 -5.90 -15.18 -8.17
C PRO A 228 -6.64 -14.59 -6.97
N THR A 229 -5.92 -13.95 -6.05
CA THR A 229 -6.59 -13.35 -4.87
C THR A 229 -7.39 -12.12 -5.30
N ASP A 230 -6.95 -11.38 -6.34
CA ASP A 230 -7.81 -10.27 -6.84
C ASP A 230 -9.10 -10.82 -7.44
N TYR A 231 -8.97 -11.85 -8.29
CA TYR A 231 -10.14 -12.38 -8.99
C TYR A 231 -11.09 -13.04 -8.00
N SER A 232 -10.59 -13.51 -6.86
CA SER A 232 -11.45 -14.09 -5.83
C SER A 232 -12.52 -13.14 -5.37
N LEU A 233 -12.26 -11.83 -5.49
CA LEU A 233 -13.24 -10.85 -5.05
C LEU A 233 -14.50 -10.83 -5.90
N ILE A 234 -14.46 -11.41 -7.09
CA ILE A 234 -15.70 -11.57 -7.88
C ILE A 234 -16.17 -13.04 -7.88
N GLN A 235 -15.43 -13.95 -7.26
CA GLN A 235 -15.89 -15.34 -7.14
C GLN A 235 -16.72 -15.51 -5.91
N ASP A 236 -16.46 -14.77 -4.86
CA ASP A 236 -17.18 -14.89 -3.61
C ASP A 236 -18.36 -13.93 -3.65
N PRO A 237 -19.55 -14.36 -3.29
CA PRO A 237 -20.69 -13.46 -3.52
C PRO A 237 -20.70 -12.23 -2.56
N LYS A 238 -20.12 -12.35 -1.40
CA LYS A 238 -20.09 -11.23 -0.45
CA LYS A 238 -20.12 -11.25 -0.36
C LYS A 238 -19.08 -10.19 -0.95
N TYR A 239 -17.93 -10.65 -1.39
CA TYR A 239 -16.96 -9.73 -1.96
C TYR A 239 -17.53 -9.08 -3.23
N LEU A 240 -18.26 -9.85 -4.03
CA LEU A 240 -18.73 -9.34 -5.31
C LEU A 240 -19.63 -8.15 -5.11
N SER A 241 -20.50 -8.22 -4.11
N SER A 241 -20.50 -8.22 -4.11
CA SER A 241 -21.43 -7.13 -3.85
CA SER A 241 -21.44 -7.13 -3.89
C SER A 241 -20.68 -5.83 -3.59
C SER A 241 -20.68 -5.83 -3.59
N ILE A 242 -19.59 -5.94 -2.84
CA ILE A 242 -18.82 -4.75 -2.48
C ILE A 242 -18.00 -4.26 -3.65
N VAL A 243 -17.45 -5.15 -4.48
CA VAL A 243 -16.82 -4.76 -5.74
C VAL A 243 -17.75 -3.93 -6.56
N LYS A 244 -19.01 -4.39 -6.71
CA LYS A 244 -19.98 -3.63 -7.49
C LYS A 244 -20.25 -2.30 -6.87
N GLU A 245 -20.32 -2.23 -5.55
N GLU A 245 -20.32 -2.23 -5.55
CA GLU A 245 -20.55 -0.97 -4.88
CA GLU A 245 -20.55 -0.96 -4.89
C GLU A 245 -19.46 0.03 -5.23
C GLU A 245 -19.46 0.04 -5.24
N TYR A 246 -18.20 -0.37 -5.11
CA TYR A 246 -17.08 0.58 -5.37
C TYR A 246 -16.94 0.89 -6.84
N ALA A 247 -17.28 -0.06 -7.73
CA ALA A 247 -17.20 0.20 -9.20
C ALA A 247 -18.23 1.25 -9.54
N ASN A 248 -19.27 1.45 -8.77
CA ASN A 248 -20.36 2.37 -9.04
C ASN A 248 -20.39 3.65 -8.19
N ASP A 249 -19.38 3.81 -7.33
CA ASP A 249 -19.35 4.94 -6.41
C ASP A 249 -17.91 5.30 -6.02
N GLN A 250 -17.32 6.16 -6.82
CA GLN A 250 -15.92 6.62 -6.66
C GLN A 250 -15.74 7.27 -5.27
N ASP A 251 -16.67 8.10 -4.87
CA ASP A 251 -16.54 8.79 -3.58
C ASP A 251 -16.60 7.82 -2.42
N LYS A 252 -17.51 6.85 -2.47
N LYS A 252 -17.51 6.85 -2.47
CA LYS A 252 -17.60 5.88 -1.39
CA LYS A 252 -17.60 5.85 -1.41
C LYS A 252 -16.33 5.04 -1.31
C LYS A 252 -16.30 5.04 -1.31
N PHE A 253 -15.77 4.62 -2.45
CA PHE A 253 -14.53 3.94 -2.43
C PHE A 253 -13.42 4.79 -1.79
N PHE A 254 -13.29 6.05 -2.20
CA PHE A 254 -12.29 6.90 -1.61
C PHE A 254 -12.40 6.99 -0.10
N LYS A 255 -13.61 7.19 0.40
CA LYS A 255 -13.82 7.33 1.84
C LYS A 255 -13.50 6.03 2.56
N ASP A 256 -13.94 4.90 2.02
CA ASP A 256 -13.69 3.61 2.67
C ASP A 256 -12.21 3.23 2.62
N PHE A 257 -11.55 3.48 1.50
CA PHE A 257 -10.13 3.21 1.40
C PHE A 257 -9.38 4.07 2.40
N SER A 258 -9.74 5.36 2.53
CA SER A 258 -8.99 6.23 3.43
C SER A 258 -9.07 5.69 4.86
N LYS A 259 -10.27 5.29 5.28
CA LYS A 259 -10.45 4.76 6.63
CA LYS A 259 -10.45 4.77 6.63
C LYS A 259 -9.66 3.48 6.83
N ALA A 260 -9.76 2.56 5.88
CA ALA A 260 -9.11 1.27 6.04
C ALA A 260 -7.59 1.40 5.99
N PHE A 261 -7.09 2.28 5.14
CA PHE A 261 -5.65 2.44 5.00
C PHE A 261 -5.06 3.14 6.24
N GLU A 262 -5.76 4.15 6.77
CA GLU A 262 -5.30 4.72 8.06
C GLU A 262 -5.27 3.64 9.13
N LYS A 263 -6.35 2.86 9.21
CA LYS A 263 -6.44 1.83 10.24
C LYS A 263 -5.29 0.83 10.08
N LEU A 264 -5.04 0.38 8.85
CA LEU A 264 -3.94 -0.55 8.58
C LEU A 264 -2.61 0.01 9.12
N LEU A 265 -2.35 1.29 8.82
N LEU A 265 -2.35 1.29 8.83
CA LEU A 265 -1.10 1.94 9.19
CA LEU A 265 -1.07 1.94 9.19
C LEU A 265 -1.02 2.22 10.70
C LEU A 265 -1.02 2.22 10.69
N GLU A 266 -2.16 2.16 11.38
CA GLU A 266 -2.17 2.47 12.81
C GLU A 266 -2.34 1.22 13.66
N ASN A 267 -2.64 0.06 13.07
CA ASN A 267 -2.88 -1.13 13.89
C ASN A 267 -1.67 -1.36 14.81
N GLY A 268 -1.98 -1.67 16.07
CA GLY A 268 -0.94 -1.98 17.02
C GLY A 268 -0.54 -0.79 17.89
N ILE A 269 -0.95 0.43 17.54
CA ILE A 269 -0.44 1.62 18.19
C ILE A 269 -1.46 2.11 19.16
N THR A 270 -1.03 2.41 20.40
CA THR A 270 -1.87 3.07 21.38
C THR A 270 -1.59 4.56 21.34
N PHE A 271 -2.59 5.34 21.02
CA PHE A 271 -2.49 6.83 21.02
C PHE A 271 -2.98 7.37 22.35
N PRO A 272 -2.13 8.08 23.08
CA PRO A 272 -2.56 8.70 24.36
C PRO A 272 -3.74 9.63 24.14
N LYS A 273 -4.50 9.90 25.13
CA LYS A 273 -5.71 10.74 24.95
C LYS A 273 -5.38 12.19 24.60
N ASP A 274 -4.28 12.60 25.02
CA ASP A 274 -3.81 13.94 24.67
C ASP A 274 -2.77 13.95 23.52
N ALA A 275 -2.66 12.86 22.74
CA ALA A 275 -1.89 12.87 21.48
C ALA A 275 -2.50 13.92 20.55
N PRO A 276 -1.73 14.48 19.61
CA PRO A 276 -2.28 15.38 18.59
C PRO A 276 -3.37 14.66 17.77
N SER A 277 -4.31 15.45 17.25
CA SER A 277 -5.24 14.88 16.31
C SER A 277 -4.51 14.45 15.02
N PRO A 278 -5.12 13.52 14.27
CA PRO A 278 -4.50 13.15 12.97
C PRO A 278 -4.28 14.35 12.08
N PHE A 279 -3.18 14.32 11.37
CA PHE A 279 -2.85 15.37 10.41
C PHE A 279 -3.43 15.05 9.04
N ILE A 280 -3.92 16.08 8.36
CA ILE A 280 -4.35 15.93 6.95
C ILE A 280 -3.44 16.85 6.15
N PHE A 281 -2.50 16.25 5.43
CA PHE A 281 -1.52 17.04 4.69
C PHE A 281 -2.09 17.58 3.41
N LYS A 282 -1.67 18.79 3.06
N LYS A 282 -1.65 18.78 3.06
CA LYS A 282 -1.96 19.38 1.76
CA LYS A 282 -1.98 19.38 1.77
C LYS A 282 -1.10 18.77 0.70
C LYS A 282 -1.12 18.77 0.70
N THR A 283 -1.69 18.57 -0.50
CA THR A 283 -0.85 18.10 -1.61
C THR A 283 0.03 19.23 -2.13
N LEU A 284 1.03 18.89 -2.93
CA LEU A 284 1.80 19.97 -3.56
C LEU A 284 0.86 20.86 -4.37
N GLU A 285 -0.06 20.25 -5.13
CA GLU A 285 -0.97 21.01 -5.96
C GLU A 285 -1.79 21.99 -5.12
N GLU A 286 -2.30 21.54 -3.94
CA GLU A 286 -3.05 22.47 -3.09
C GLU A 286 -2.19 23.62 -2.53
N GLN A 287 -0.88 23.40 -2.39
CA GLN A 287 0.02 24.43 -1.89
C GLN A 287 0.54 25.30 -3.00
N GLY A 288 0.24 25.01 -4.28
CA GLY A 288 0.83 25.81 -5.37
C GLY A 288 2.30 25.51 -5.57
N LEU A 289 2.79 24.34 -5.10
CA LEU A 289 4.18 23.91 -5.19
C LEU A 289 4.44 22.91 -6.30
CHA HEM B . 1.81 -5.30 -5.77
CHB HEM B . 0.01 -9.32 -3.78
CHC HEM B . -2.81 -6.59 -0.92
CHD HEM B . -0.74 -2.60 -2.70
C1A HEM B . 1.56 -6.62 -5.42
C2A HEM B . 2.25 -7.74 -6.05
C3A HEM B . 1.73 -8.88 -5.50
C4A HEM B . 0.72 -8.47 -4.56
CMA HEM B . 2.09 -10.33 -5.81
CAA HEM B . 3.37 -7.64 -7.10
CBA HEM B . 4.74 -7.41 -6.43
CGA HEM B . 5.79 -7.30 -7.52
O1A HEM B . 5.90 -8.23 -8.33
O2A HEM B . 6.49 -6.25 -7.61
C1B HEM B . -0.97 -8.95 -2.87
C2B HEM B . -1.82 -9.84 -2.13
C3B HEM B . -2.62 -9.06 -1.37
C4B HEM B . -2.26 -7.69 -1.57
CMB HEM B . -1.77 -11.36 -2.26
CAB HEM B . -3.72 -9.51 -0.41
CBB HEM B . -4.41 -10.66 -0.53
C1C HEM B . -2.41 -5.29 -1.11
C2C HEM B . -2.90 -4.19 -0.31
C3C HEM B . -2.28 -3.05 -0.77
C4C HEM B . -1.43 -3.44 -1.86
CMC HEM B . -3.82 -4.35 0.88
CAC HEM B . -2.34 -1.63 -0.25
CBC HEM B . -3.43 -1.05 0.25
C1D HEM B . 0.05 -2.98 -3.79
C2D HEM B . 0.63 -2.07 -4.72
C3D HEM B . 1.39 -2.84 -5.64
C4D HEM B . 1.21 -4.18 -5.19
CMD HEM B . 0.40 -0.59 -4.76
CAD HEM B . 2.16 -2.38 -6.84
CBD HEM B . 3.65 -2.22 -6.49
CGD HEM B . 4.50 -1.80 -7.69
O1D HEM B . 3.97 -1.37 -8.73
O2D HEM B . 5.77 -1.89 -7.52
NA HEM B . 0.65 -7.08 -4.51
NB HEM B . -1.28 -7.64 -2.51
NC HEM B . -1.52 -4.82 -2.05
ND HEM B . 0.36 -4.28 -4.10
FE HEM B . -0.51 -5.95 -3.37
OAB 2NB C . -4.07 -4.16 -13.72
NAN 2NB C . -4.71 -4.57 -12.68
OAC 2NB C . -5.98 -4.66 -12.65
CAK 2NB C . -4.03 -5.03 -11.64
CAH 2NB C . -4.55 -6.10 -10.92
NAI 2NB C . -3.84 -6.60 -9.84
CAL 2NB C . -2.67 -6.06 -9.48
CAF 2NB C . -2.02 -6.61 -8.39
CAD 2NB C . -0.80 -6.08 -7.97
CAE 2NB C . -0.26 -5.01 -8.67
CAG 2NB C . -0.90 -4.46 -9.75
CAM 2NB C . -2.12 -4.99 -10.18
CAJ 2NB C . -2.82 -4.47 -11.26
NAA 2NB C . -2.32 -3.45 -11.94
#